data_1YKC
#
_entry.id   1YKC
#
_cell.length_a   56.610
_cell.length_b   74.790
_cell.length_c   116.500
_cell.angle_alpha   90.00
_cell.angle_beta   90.00
_cell.angle_gamma   90.00
#
_symmetry.space_group_name_H-M   'P 21 21 21'
#
loop_
_entity.id
_entity.type
_entity.pdbx_description
1 polymer 'Glutathione S-transferase Mu 2'
2 non-polymer 'OXIDIZED GLUTATHIONE DISULFIDE'
3 water water
#
_entity_poly.entity_id   1
_entity_poly.type   'polypeptide(L)'
_entity_poly.pdbx_seq_one_letter_code
;PMTLGYWNIRGLAHSIRLLLEYTDSSYEEKKYTMGDAPDYDRSQWLNEKFKLGLDFPNLPYLIDGTHKITQSNAILRYIA
RKHNLCGESEKEQIREDILENQFMDSRMQLAKLCYDPDFEKLKPEYLQALPEMLKLYSQFLGKQPWFLGDKITFVDFIAY
DVLERNQVFEPSCLDAFPNLKDFISRFEGLEKISAYMKSSRFLPRPVFTKMAVWGNK
;
_entity_poly.pdbx_strand_id   A,B
#
loop_
_chem_comp.id
_chem_comp.type
_chem_comp.name
_chem_comp.formula
GDS non-polymer 'OXIDIZED GLUTATHIONE DISULFIDE' 'C20 H32 N6 O12 S2'
#
# COMPACT_ATOMS: atom_id res chain seq x y z
N PRO A 1 27.02 -2.86 8.69
CA PRO A 1 27.10 -2.53 7.25
C PRO A 1 25.77 -2.13 6.59
N MET A 2 24.70 -2.90 6.82
CA MET A 2 23.39 -2.54 6.27
C MET A 2 22.94 -1.38 7.14
N THR A 3 22.14 -0.46 6.60
CA THR A 3 21.70 0.69 7.40
C THR A 3 20.20 0.96 7.29
N LEU A 4 19.53 1.00 8.44
CA LEU A 4 18.10 1.28 8.51
C LEU A 4 17.88 2.67 9.08
N GLY A 5 17.29 3.54 8.26
CA GLY A 5 17.01 4.90 8.68
C GLY A 5 15.54 5.07 8.95
N TYR A 6 15.21 5.79 10.01
CA TYR A 6 13.83 6.04 10.42
C TYR A 6 13.82 6.89 11.69
N TRP A 7 12.62 7.36 12.04
CA TRP A 7 12.42 8.14 13.25
C TRP A 7 12.73 7.27 14.48
N ASN A 8 12.95 7.91 15.63
CA ASN A 8 13.21 7.21 16.91
C ASN A 8 11.85 6.71 17.43
N ILE A 9 11.07 6.17 16.49
CA ILE A 9 9.71 5.71 16.67
C ILE A 9 9.54 4.23 16.23
N ARG A 10 8.47 3.57 16.72
CA ARG A 10 8.17 2.19 16.33
C ARG A 10 7.65 2.30 14.88
N GLY A 11 6.46 2.89 14.77
CA GLY A 11 5.81 3.11 13.49
C GLY A 11 5.93 2.04 12.43
N LEU A 12 6.49 2.43 11.29
CA LEU A 12 6.67 1.56 10.13
C LEU A 12 7.90 0.66 10.15
N ALA A 13 8.87 0.97 11.01
CA ALA A 13 10.12 0.19 11.13
C ALA A 13 10.07 -1.02 12.05
N HIS A 14 8.97 -1.17 12.78
CA HIS A 14 8.82 -2.28 13.70
C HIS A 14 8.97 -3.63 12.96
N SER A 15 8.08 -3.89 12.02
CA SER A 15 8.15 -5.13 11.25
C SER A 15 9.53 -5.36 10.66
N ILE A 16 10.18 -4.28 10.24
CA ILE A 16 11.49 -4.34 9.63
C ILE A 16 12.61 -4.75 10.59
N ARG A 17 12.68 -4.07 11.72
CA ARG A 17 13.69 -4.35 12.75
C ARG A 17 13.54 -5.79 13.19
N LEU A 18 12.28 -6.22 13.33
CA LEU A 18 11.99 -7.60 13.72
C LEU A 18 12.43 -8.60 12.66
N LEU A 19 12.26 -8.25 11.40
CA LEU A 19 12.68 -9.15 10.32
C LEU A 19 14.20 -9.24 10.25
N LEU A 20 14.86 -8.10 10.45
CA LEU A 20 16.33 -7.99 10.43
C LEU A 20 16.95 -8.84 11.55
N GLU A 21 16.29 -8.84 12.70
CA GLU A 21 16.76 -9.62 13.83
C GLU A 21 16.47 -11.09 13.57
N TYR A 22 15.25 -11.41 13.14
CA TYR A 22 14.91 -12.81 12.87
C TYR A 22 15.81 -13.47 11.82
N THR A 23 16.19 -12.71 10.79
CA THR A 23 17.04 -13.22 9.71
C THR A 23 18.55 -13.15 9.99
N ASP A 24 18.90 -12.60 11.15
CA ASP A 24 20.30 -12.46 11.56
C ASP A 24 21.07 -11.49 10.68
N SER A 25 20.36 -10.51 10.14
CA SER A 25 20.98 -9.50 9.29
C SER A 25 21.97 -8.62 10.07
N SER A 26 23.09 -8.33 9.43
CA SER A 26 24.12 -7.49 10.05
C SER A 26 23.78 -6.06 9.70
N TYR A 27 23.27 -5.32 10.67
CA TYR A 27 22.86 -3.95 10.42
C TYR A 27 23.03 -3.01 11.59
N GLU A 28 22.91 -1.73 11.28
CA GLU A 28 23.02 -0.65 12.24
C GLU A 28 21.86 0.31 11.93
N GLU A 29 21.55 1.19 12.87
CA GLU A 29 20.46 2.12 12.69
C GLU A 29 20.75 3.59 12.99
N LYS A 30 20.27 4.37 12.02
CA LYS A 30 20.31 5.83 11.95
C LYS A 30 18.97 6.31 12.43
N LYS A 31 18.90 6.81 13.66
CA LYS A 31 17.63 7.29 14.19
C LYS A 31 17.46 8.80 14.14
N TYR A 32 16.46 9.25 13.41
CA TYR A 32 16.17 10.65 13.29
C TYR A 32 15.24 11.09 14.42
N THR A 33 15.59 12.21 15.05
CA THR A 33 14.80 12.71 16.17
C THR A 33 14.05 13.98 15.82
N MET A 34 12.74 13.91 15.99
CA MET A 34 11.85 15.03 15.70
C MET A 34 11.74 15.91 16.95
N GLY A 35 11.80 17.21 16.76
CA GLY A 35 11.67 18.12 17.88
C GLY A 35 10.25 18.12 18.36
N ASP A 36 9.98 18.78 19.48
CA ASP A 36 8.60 18.81 19.98
C ASP A 36 7.77 19.98 19.44
N ALA A 37 6.52 20.03 19.89
CA ALA A 37 5.59 21.08 19.49
C ALA A 37 6.17 22.46 19.82
N PRO A 38 5.71 23.50 19.12
CA PRO A 38 4.70 23.41 18.04
C PRO A 38 5.28 23.21 16.64
N ASP A 39 6.61 23.24 16.52
CA ASP A 39 7.33 23.08 15.25
C ASP A 39 7.52 21.64 14.79
N TYR A 40 7.91 20.78 15.72
CA TYR A 40 8.16 19.38 15.40
C TYR A 40 9.26 19.38 14.36
N ASP A 41 10.36 20.05 14.68
CA ASP A 41 11.52 20.19 13.79
C ASP A 41 12.04 18.88 13.18
N ARG A 42 12.09 18.86 11.85
CA ARG A 42 12.52 17.67 11.11
C ARG A 42 13.81 17.88 10.34
N SER A 43 14.53 18.96 10.66
CA SER A 43 15.79 19.28 10.01
C SER A 43 16.83 18.16 10.08
N GLN A 44 16.78 17.35 11.13
CA GLN A 44 17.72 16.25 11.27
C GLN A 44 17.53 15.30 10.07
N TRP A 45 16.29 15.19 9.60
CA TRP A 45 15.96 14.35 8.45
C TRP A 45 16.15 15.14 7.16
N LEU A 46 15.45 16.27 7.06
CA LEU A 46 15.49 17.13 5.89
C LEU A 46 16.91 17.52 5.44
N ASN A 47 17.83 17.64 6.38
CA ASN A 47 19.21 18.00 6.08
C ASN A 47 20.00 16.97 5.28
N GLU A 48 19.51 15.73 5.21
CA GLU A 48 20.21 14.71 4.44
C GLU A 48 19.26 13.80 3.70
N LYS A 49 18.02 14.28 3.53
CA LYS A 49 16.96 13.56 2.83
C LYS A 49 17.34 13.31 1.37
N PHE A 50 17.82 14.36 0.72
CA PHE A 50 18.21 14.29 -0.68
C PHE A 50 19.70 14.04 -0.89
N LYS A 51 20.38 13.60 0.17
CA LYS A 51 21.81 13.35 0.08
C LYS A 51 22.15 11.89 0.38
N LEU A 52 21.20 10.99 0.16
CA LEU A 52 21.44 9.59 0.45
C LEU A 52 21.43 8.65 -0.76
N GLY A 53 21.23 9.19 -1.95
CA GLY A 53 21.18 8.36 -3.15
C GLY A 53 19.88 7.60 -3.28
N LEU A 54 18.83 8.11 -2.64
CA LEU A 54 17.54 7.47 -2.69
C LEU A 54 16.75 8.06 -3.87
N ASP A 55 16.13 7.17 -4.65
CA ASP A 55 15.34 7.57 -5.79
C ASP A 55 14.10 8.33 -5.33
N PHE A 56 13.47 7.84 -4.27
CA PHE A 56 12.29 8.49 -3.70
C PHE A 56 12.52 8.65 -2.20
N PRO A 57 13.35 9.65 -1.83
CA PRO A 57 13.69 9.96 -0.43
C PRO A 57 12.48 9.83 0.50
N ASN A 58 12.59 8.89 1.44
CA ASN A 58 11.51 8.60 2.39
C ASN A 58 12.06 7.89 3.63
N LEU A 59 11.21 7.76 4.65
CA LEU A 59 11.49 7.08 5.91
C LEU A 59 10.39 6.07 6.15
N PRO A 60 10.75 4.81 6.43
CA PRO A 60 12.11 4.28 6.52
C PRO A 60 12.82 3.95 5.20
N TYR A 61 14.14 3.90 5.26
CA TYR A 61 14.94 3.55 4.09
C TYR A 61 15.96 2.50 4.54
N LEU A 62 16.37 1.66 3.60
CA LEU A 62 17.35 0.63 3.90
C LEU A 62 18.49 0.78 2.90
N ILE A 63 19.71 0.90 3.40
CA ILE A 63 20.85 1.03 2.53
C ILE A 63 21.73 -0.21 2.65
N ASP A 64 21.58 -1.14 1.70
CA ASP A 64 22.36 -2.36 1.69
C ASP A 64 23.31 -2.37 0.50
N GLY A 65 24.47 -1.75 0.67
CA GLY A 65 25.44 -1.70 -0.41
C GLY A 65 24.93 -0.85 -1.55
N THR A 66 24.83 -1.47 -2.72
CA THR A 66 24.34 -0.79 -3.92
C THR A 66 22.83 -0.59 -3.92
N HIS A 67 22.13 -1.37 -3.09
CA HIS A 67 20.68 -1.29 -2.99
C HIS A 67 20.23 -0.27 -1.97
N LYS A 68 19.55 0.78 -2.44
CA LYS A 68 19.02 1.81 -1.57
C LYS A 68 17.50 1.71 -1.73
N ILE A 69 16.83 1.31 -0.66
CA ILE A 69 15.39 1.08 -0.69
C ILE A 69 14.53 1.94 0.23
N THR A 70 13.38 2.36 -0.29
CA THR A 70 12.39 3.14 0.45
C THR A 70 11.08 2.34 0.39
N GLN A 71 10.05 2.82 1.09
CA GLN A 71 8.76 2.13 1.15
C GLN A 71 8.89 0.86 2.00
N SER A 72 8.38 0.94 3.22
CA SER A 72 8.45 -0.17 4.19
C SER A 72 8.22 -1.56 3.60
N ASN A 73 7.16 -1.71 2.82
CA ASN A 73 6.80 -2.98 2.21
C ASN A 73 7.89 -3.52 1.29
N ALA A 74 8.52 -2.62 0.54
CA ALA A 74 9.60 -2.94 -0.40
C ALA A 74 10.84 -3.38 0.35
N ILE A 75 11.08 -2.73 1.50
CA ILE A 75 12.22 -3.05 2.35
C ILE A 75 12.02 -4.42 2.95
N LEU A 76 10.78 -4.74 3.34
CA LEU A 76 10.45 -6.03 3.92
C LEU A 76 10.60 -7.14 2.90
N ARG A 77 10.05 -6.89 1.71
CA ARG A 77 10.12 -7.85 0.62
C ARG A 77 11.57 -8.17 0.23
N TYR A 78 12.41 -7.14 0.20
CA TYR A 78 13.83 -7.32 -0.13
C TYR A 78 14.54 -8.28 0.83
N ILE A 79 14.35 -8.07 2.12
CA ILE A 79 14.96 -8.90 3.15
C ILE A 79 14.33 -10.28 3.13
N ALA A 80 13.03 -10.33 2.86
CA ALA A 80 12.30 -11.60 2.80
C ALA A 80 12.80 -12.51 1.71
N ARG A 81 12.97 -11.98 0.50
CA ARG A 81 13.46 -12.76 -0.62
C ARG A 81 14.88 -13.24 -0.36
N LYS A 82 15.66 -12.40 0.30
CA LYS A 82 17.05 -12.70 0.63
C LYS A 82 17.21 -13.89 1.58
N HIS A 83 16.12 -14.29 2.22
CA HIS A 83 16.14 -15.41 3.17
C HIS A 83 15.01 -16.41 2.98
N ASN A 84 14.42 -16.39 1.78
CA ASN A 84 13.32 -17.28 1.41
C ASN A 84 12.14 -17.26 2.41
N LEU A 85 11.74 -16.06 2.80
CA LEU A 85 10.63 -15.88 3.72
C LEU A 85 9.47 -15.27 2.94
N CYS A 86 9.19 -15.90 1.81
CA CYS A 86 8.15 -15.47 0.89
C CYS A 86 7.22 -16.63 0.57
N GLY A 87 6.01 -16.29 0.14
CA GLY A 87 5.06 -17.31 -0.25
C GLY A 87 5.62 -17.93 -1.52
N GLU A 88 5.42 -19.23 -1.69
CA GLU A 88 5.95 -19.96 -2.84
C GLU A 88 4.87 -20.35 -3.85
N SER A 89 3.87 -21.09 -3.39
CA SER A 89 2.80 -21.48 -4.30
C SER A 89 1.98 -20.24 -4.69
N GLU A 90 1.14 -20.38 -5.72
CA GLU A 90 0.32 -19.28 -6.21
C GLU A 90 -0.65 -18.85 -5.11
N LYS A 91 -1.28 -19.82 -4.46
CA LYS A 91 -2.23 -19.56 -3.36
C LYS A 91 -1.57 -18.80 -2.23
N GLU A 92 -0.31 -19.12 -1.93
CA GLU A 92 0.41 -18.43 -0.87
C GLU A 92 0.77 -17.00 -1.24
N GLN A 93 1.10 -16.77 -2.51
CA GLN A 93 1.43 -15.43 -2.99
C GLN A 93 0.19 -14.53 -2.97
N ILE A 94 -0.96 -15.09 -3.33
CA ILE A 94 -2.21 -14.32 -3.34
C ILE A 94 -2.54 -13.82 -1.93
N ARG A 95 -2.56 -14.74 -0.98
CA ARG A 95 -2.82 -14.44 0.42
C ARG A 95 -1.77 -13.43 0.92
N GLU A 96 -0.54 -13.61 0.47
CA GLU A 96 0.56 -12.71 0.84
C GLU A 96 0.31 -11.28 0.35
N ASP A 97 -0.15 -11.14 -0.89
CA ASP A 97 -0.44 -9.82 -1.43
C ASP A 97 -1.67 -9.21 -0.77
N ILE A 98 -2.74 -10.00 -0.64
CA ILE A 98 -3.93 -9.49 0.03
C ILE A 98 -3.58 -9.01 1.44
N LEU A 99 -2.89 -9.83 2.23
CA LEU A 99 -2.54 -9.44 3.59
C LEU A 99 -1.65 -8.22 3.68
N GLU A 100 -0.60 -8.17 2.87
CA GLU A 100 0.31 -7.03 2.88
C GLU A 100 -0.47 -5.73 2.79
N ASN A 101 -1.43 -5.70 1.87
CA ASN A 101 -2.26 -4.52 1.64
C ASN A 101 -3.35 -4.30 2.71
N GLN A 102 -4.03 -5.37 3.12
CA GLN A 102 -5.08 -5.32 4.13
C GLN A 102 -4.52 -4.74 5.44
N PHE A 103 -3.44 -5.35 5.94
CA PHE A 103 -2.80 -4.89 7.18
C PHE A 103 -2.36 -3.42 7.12
N MET A 104 -1.91 -2.98 5.94
CA MET A 104 -1.50 -1.58 5.76
C MET A 104 -2.73 -0.69 5.88
N ASP A 105 -3.84 -1.15 5.31
CA ASP A 105 -5.09 -0.39 5.38
C ASP A 105 -5.52 -0.27 6.85
N SER A 106 -5.43 -1.39 7.57
CA SER A 106 -5.78 -1.44 9.00
C SER A 106 -4.81 -0.56 9.80
N ARG A 107 -3.53 -0.59 9.43
CA ARG A 107 -2.52 0.23 10.08
C ARG A 107 -2.84 1.71 9.94
N MET A 108 -3.24 2.11 8.74
CA MET A 108 -3.56 3.50 8.46
C MET A 108 -4.84 4.00 9.12
N GLN A 109 -5.78 3.09 9.38
CA GLN A 109 -7.02 3.47 10.06
C GLN A 109 -6.69 3.90 11.48
N LEU A 110 -5.84 3.13 12.16
CA LEU A 110 -5.41 3.43 13.54
C LEU A 110 -4.59 4.72 13.57
N ALA A 111 -3.67 4.86 12.63
CA ALA A 111 -2.86 6.07 12.57
C ALA A 111 -3.74 7.30 12.35
N LYS A 112 -4.67 7.20 11.42
CA LYS A 112 -5.59 8.30 11.11
C LYS A 112 -6.30 8.78 12.38
N LEU A 113 -6.82 7.81 13.15
CA LEU A 113 -7.50 8.09 14.39
C LEU A 113 -6.59 8.78 15.40
N CYS A 114 -5.49 8.12 15.71
CA CYS A 114 -4.54 8.61 16.68
C CYS A 114 -3.87 9.95 16.45
N TYR A 115 -3.85 10.43 15.21
CA TYR A 115 -3.24 11.73 14.92
C TYR A 115 -4.29 12.84 14.87
N ASP A 116 -5.54 12.44 14.78
CA ASP A 116 -6.66 13.37 14.71
C ASP A 116 -6.88 14.10 16.05
N PRO A 117 -6.96 15.45 16.01
CA PRO A 117 -7.18 16.21 17.25
C PRO A 117 -8.49 15.86 17.95
N ASP A 118 -9.41 15.24 17.22
CA ASP A 118 -10.70 14.81 17.78
C ASP A 118 -10.64 13.35 18.18
N PHE A 119 -9.44 12.88 18.52
CA PHE A 119 -9.19 11.50 18.91
C PHE A 119 -10.23 10.94 19.87
N GLU A 120 -10.57 11.72 20.88
CA GLU A 120 -11.54 11.29 21.88
C GLU A 120 -12.94 11.06 21.35
N LYS A 121 -13.38 11.91 20.43
CA LYS A 121 -14.72 11.78 19.85
C LYS A 121 -14.75 10.63 18.85
N LEU A 122 -13.67 10.48 18.11
CA LEU A 122 -13.55 9.44 17.09
C LEU A 122 -13.23 8.05 17.60
N LYS A 123 -12.55 7.97 18.74
CA LYS A 123 -12.15 6.69 19.31
C LYS A 123 -13.23 5.61 19.50
N PRO A 124 -14.42 5.98 20.04
CA PRO A 124 -15.50 5.02 20.25
C PRO A 124 -15.83 4.33 18.95
N GLU A 125 -15.89 5.16 17.92
CA GLU A 125 -16.17 4.74 16.54
C GLU A 125 -15.24 3.60 16.11
N TYR A 126 -13.95 3.81 16.36
CA TYR A 126 -12.91 2.84 16.02
C TYR A 126 -13.06 1.57 16.85
N LEU A 127 -13.31 1.74 18.16
CA LEU A 127 -13.48 0.60 19.05
C LEU A 127 -14.64 -0.31 18.64
N GLN A 128 -15.69 0.28 18.08
CA GLN A 128 -16.88 -0.45 17.64
C GLN A 128 -16.55 -1.38 16.48
N ALA A 129 -15.71 -0.88 15.57
CA ALA A 129 -15.32 -1.61 14.37
C ALA A 129 -14.19 -2.64 14.58
N LEU A 130 -13.41 -2.45 15.64
CA LEU A 130 -12.29 -3.31 15.93
C LEU A 130 -12.60 -4.82 15.95
N PRO A 131 -13.70 -5.24 16.60
CA PRO A 131 -14.05 -6.67 16.65
C PRO A 131 -14.24 -7.25 15.25
N GLU A 132 -14.94 -6.51 14.39
CA GLU A 132 -15.18 -6.97 13.03
C GLU A 132 -13.88 -7.14 12.26
N MET A 133 -13.01 -6.14 12.39
CA MET A 133 -11.73 -6.13 11.73
C MET A 133 -10.87 -7.32 12.18
N LEU A 134 -10.75 -7.47 13.49
CA LEU A 134 -9.96 -8.53 14.08
C LEU A 134 -10.48 -9.90 13.68
N LYS A 135 -11.81 -10.01 13.61
CA LYS A 135 -12.47 -11.25 13.24
C LYS A 135 -12.10 -11.76 11.84
N LEU A 136 -11.97 -10.84 10.89
CA LEU A 136 -11.61 -11.22 9.53
C LEU A 136 -10.21 -11.80 9.49
N TYR A 137 -9.30 -11.19 10.25
CA TYR A 137 -7.93 -11.68 10.33
C TYR A 137 -7.86 -13.02 11.02
N SER A 138 -8.69 -13.18 12.04
CA SER A 138 -8.79 -14.39 12.83
C SER A 138 -9.30 -15.53 11.97
N GLN A 139 -10.34 -15.26 11.19
CA GLN A 139 -10.91 -16.26 10.31
C GLN A 139 -9.88 -16.70 9.27
N PHE A 140 -9.16 -15.74 8.73
CA PHE A 140 -8.16 -16.00 7.72
C PHE A 140 -7.03 -16.91 8.25
N LEU A 141 -6.53 -16.59 9.45
CA LEU A 141 -5.47 -17.38 10.08
C LEU A 141 -5.96 -18.81 10.37
N GLY A 142 -7.17 -18.92 10.93
CA GLY A 142 -7.72 -20.22 11.25
C GLY A 142 -6.82 -21.04 12.17
N LYS A 143 -6.69 -22.32 11.86
CA LYS A 143 -5.86 -23.23 12.66
C LYS A 143 -4.36 -23.23 12.30
N GLN A 144 -3.96 -22.32 11.41
CA GLN A 144 -2.58 -22.22 10.95
C GLN A 144 -1.69 -21.44 11.91
N PRO A 145 -0.42 -21.86 12.05
CA PRO A 145 0.54 -21.19 12.93
C PRO A 145 0.95 -19.81 12.37
N TRP A 146 1.08 -19.75 11.05
CA TRP A 146 1.48 -18.53 10.33
C TRP A 146 0.45 -18.18 9.26
N PHE A 147 0.29 -16.89 8.97
CA PHE A 147 -0.69 -16.46 7.98
C PHE A 147 -0.67 -17.12 6.61
N LEU A 148 0.46 -17.71 6.24
CA LEU A 148 0.56 -18.37 4.94
C LEU A 148 0.66 -19.92 5.05
N GLY A 149 0.47 -20.43 6.26
CA GLY A 149 0.52 -21.87 6.46
C GLY A 149 1.60 -22.31 7.42
N ASP A 150 2.32 -23.35 7.03
CA ASP A 150 3.36 -23.90 7.88
C ASP A 150 4.66 -23.14 8.04
N LYS A 151 4.95 -22.24 7.11
CA LYS A 151 6.20 -21.50 7.20
C LYS A 151 5.95 -20.05 7.55
N ILE A 152 6.84 -19.48 8.36
CA ILE A 152 6.74 -18.09 8.75
C ILE A 152 7.25 -17.26 7.57
N THR A 153 6.56 -16.16 7.28
CA THR A 153 6.94 -15.30 6.17
C THR A 153 6.86 -13.83 6.57
N PHE A 154 7.21 -12.93 5.65
CA PHE A 154 7.19 -11.51 5.99
C PHE A 154 5.85 -10.92 6.39
N VAL A 155 4.73 -11.41 5.85
CA VAL A 155 3.43 -10.84 6.24
C VAL A 155 3.15 -11.05 7.73
N ASP A 156 3.78 -12.06 8.32
CA ASP A 156 3.65 -12.38 9.73
C ASP A 156 4.29 -11.29 10.58
N PHE A 157 5.37 -10.70 10.06
CA PHE A 157 6.06 -9.61 10.75
C PHE A 157 5.24 -8.33 10.70
N ILE A 158 4.37 -8.24 9.69
CA ILE A 158 3.47 -7.09 9.52
C ILE A 158 2.27 -7.36 10.43
N ALA A 159 1.68 -8.53 10.24
CA ALA A 159 0.54 -8.99 11.01
C ALA A 159 0.83 -8.71 12.47
N TYR A 160 1.96 -9.21 12.95
CA TYR A 160 2.34 -9.02 14.35
C TYR A 160 2.27 -7.57 14.80
N ASP A 161 2.96 -6.71 14.07
CA ASP A 161 3.01 -5.28 14.37
C ASP A 161 1.65 -4.60 14.49
N VAL A 162 0.76 -4.82 13.52
CA VAL A 162 -0.52 -4.15 13.59
C VAL A 162 -1.48 -4.80 14.57
N LEU A 163 -1.41 -6.11 14.72
CA LEU A 163 -2.29 -6.79 15.64
C LEU A 163 -1.92 -6.44 17.06
N GLU A 164 -0.62 -6.45 17.34
CA GLU A 164 -0.09 -6.15 18.67
C GLU A 164 -0.32 -4.71 19.10
N ARG A 165 -0.08 -3.76 18.20
CA ARG A 165 -0.30 -2.36 18.55
C ARG A 165 -1.77 -2.08 18.82
N ASN A 166 -2.64 -2.95 18.29
CA ASN A 166 -4.08 -2.80 18.53
C ASN A 166 -4.34 -3.34 19.92
N GLN A 167 -3.55 -4.34 20.32
CA GLN A 167 -3.68 -4.93 21.63
C GLN A 167 -3.26 -3.88 22.66
N VAL A 168 -2.27 -3.05 22.32
CA VAL A 168 -1.86 -2.02 23.25
C VAL A 168 -2.82 -0.83 23.24
N PHE A 169 -3.56 -0.66 22.16
CA PHE A 169 -4.55 0.41 22.05
C PHE A 169 -5.75 0.04 22.94
N GLU A 170 -6.21 -1.20 22.78
CA GLU A 170 -7.33 -1.73 23.54
C GLU A 170 -6.89 -3.14 23.93
N PRO A 171 -6.34 -3.30 25.15
CA PRO A 171 -5.82 -4.55 25.71
C PRO A 171 -6.71 -5.78 25.62
N SER A 172 -8.02 -5.58 25.73
CA SER A 172 -8.98 -6.67 25.70
C SER A 172 -9.42 -7.16 24.32
N CYS A 173 -9.14 -6.37 23.28
CA CYS A 173 -9.55 -6.65 21.91
C CYS A 173 -9.31 -8.04 21.36
N LEU A 174 -8.20 -8.66 21.74
CA LEU A 174 -7.88 -10.01 21.27
C LEU A 174 -8.49 -11.15 22.11
N ASP A 175 -9.05 -10.83 23.28
CA ASP A 175 -9.67 -11.85 24.16
C ASP A 175 -10.62 -12.83 23.47
N ALA A 176 -11.43 -12.32 22.55
CA ALA A 176 -12.40 -13.16 21.85
C ALA A 176 -11.78 -13.95 20.72
N PHE A 177 -10.52 -13.69 20.42
CA PHE A 177 -9.83 -14.36 19.32
C PHE A 177 -8.57 -15.09 19.78
N PRO A 178 -8.75 -16.29 20.33
CA PRO A 178 -7.69 -17.16 20.85
C PRO A 178 -6.50 -17.31 19.90
N ASN A 179 -6.77 -17.69 18.65
CA ASN A 179 -5.70 -17.86 17.67
C ASN A 179 -4.81 -16.65 17.45
N LEU A 180 -5.38 -15.45 17.51
CA LEU A 180 -4.56 -14.24 17.33
C LEU A 180 -3.75 -14.03 18.59
N LYS A 181 -4.26 -14.46 19.73
CA LYS A 181 -3.51 -14.35 20.98
C LYS A 181 -2.32 -15.30 20.88
N ASP A 182 -2.58 -16.49 20.38
CA ASP A 182 -1.53 -17.49 20.22
C ASP A 182 -0.52 -17.03 19.17
N PHE A 183 -1.00 -16.41 18.09
CA PHE A 183 -0.12 -15.90 17.04
C PHE A 183 0.92 -15.00 17.68
N ILE A 184 0.45 -14.03 18.45
CA ILE A 184 1.32 -13.11 19.15
C ILE A 184 2.34 -13.81 20.10
N SER A 185 1.89 -14.85 20.80
CA SER A 185 2.77 -15.58 21.72
C SER A 185 3.78 -16.36 20.90
N ARG A 186 3.26 -17.05 19.89
CA ARG A 186 4.06 -17.84 18.97
C ARG A 186 5.20 -17.02 18.39
N PHE A 187 4.87 -15.83 17.92
CA PHE A 187 5.84 -14.91 17.31
C PHE A 187 6.84 -14.39 18.34
N GLU A 188 6.35 -13.91 19.47
CA GLU A 188 7.25 -13.37 20.49
C GLU A 188 8.10 -14.48 21.10
N GLY A 189 7.64 -15.72 20.96
CA GLY A 189 8.39 -16.84 21.50
C GLY A 189 9.54 -17.33 20.63
N LEU A 190 9.55 -16.92 19.37
CA LEU A 190 10.59 -17.30 18.42
C LEU A 190 11.96 -16.91 18.99
N GLU A 191 12.86 -17.88 18.95
CA GLU A 191 14.22 -17.73 19.47
C GLU A 191 14.88 -16.35 19.31
N LYS A 192 15.11 -15.95 18.07
CA LYS A 192 15.73 -14.66 17.78
C LYS A 192 14.87 -13.45 18.20
N ILE A 193 13.55 -13.60 18.13
CA ILE A 193 12.63 -12.53 18.51
C ILE A 193 12.68 -12.31 20.02
N SER A 194 12.53 -13.38 20.78
CA SER A 194 12.57 -13.31 22.24
C SER A 194 13.85 -12.63 22.71
N ALA A 195 14.99 -13.12 22.23
CA ALA A 195 16.28 -12.57 22.61
C ALA A 195 16.39 -11.07 22.34
N TYR A 196 15.90 -10.65 21.18
CA TYR A 196 15.91 -9.25 20.79
C TYR A 196 14.97 -8.42 21.67
N MET A 197 13.80 -8.98 21.96
CA MET A 197 12.84 -8.26 22.81
C MET A 197 13.35 -7.99 24.22
N LYS A 198 14.46 -8.65 24.58
CA LYS A 198 15.08 -8.47 25.88
C LYS A 198 16.25 -7.48 25.82
N SER A 199 16.77 -7.24 24.61
CA SER A 199 17.88 -6.32 24.42
C SER A 199 17.52 -4.83 24.45
N SER A 200 18.55 -3.98 24.43
CA SER A 200 18.39 -2.53 24.45
C SER A 200 17.84 -2.00 23.13
N ARG A 201 18.09 -2.73 22.05
CA ARG A 201 17.67 -2.38 20.69
C ARG A 201 16.15 -2.30 20.51
N PHE A 202 15.44 -3.16 21.23
CA PHE A 202 14.00 -3.26 21.15
C PHE A 202 13.28 -1.93 21.43
N LEU A 203 12.51 -1.46 20.46
CA LEU A 203 11.77 -0.19 20.55
C LEU A 203 10.26 -0.34 20.25
N PRO A 204 9.49 -0.84 21.23
CA PRO A 204 8.04 -1.03 21.05
C PRO A 204 7.27 0.29 21.19
N ARG A 205 7.85 1.25 21.87
CA ARG A 205 7.23 2.56 22.09
C ARG A 205 8.30 3.61 21.88
N PRO A 206 7.91 4.83 21.46
CA PRO A 206 6.52 5.23 21.16
C PRO A 206 6.01 4.64 19.85
N VAL A 207 4.71 4.38 19.77
CA VAL A 207 4.14 3.81 18.56
C VAL A 207 4.17 4.81 17.40
N PHE A 208 3.81 6.06 17.71
CA PHE A 208 3.77 7.12 16.72
C PHE A 208 4.72 8.28 17.01
N THR A 209 4.59 9.35 16.23
CA THR A 209 5.45 10.51 16.41
C THR A 209 4.91 11.47 17.45
N LYS A 210 5.71 12.49 17.77
CA LYS A 210 5.33 13.48 18.75
C LYS A 210 4.09 14.26 18.30
N MET A 211 3.72 14.11 17.02
CA MET A 211 2.55 14.78 16.46
C MET A 211 1.24 14.07 16.77
N ALA A 212 1.32 12.88 17.34
CA ALA A 212 0.14 12.09 17.65
C ALA A 212 -0.53 12.53 18.97
N VAL A 213 -1.82 12.23 19.08
CA VAL A 213 -2.58 12.53 20.29
C VAL A 213 -2.49 11.27 21.16
N TRP A 214 -2.30 10.14 20.50
CA TRP A 214 -2.15 8.86 21.18
C TRP A 214 -0.92 8.18 20.60
N GLY A 215 -0.11 7.59 21.48
CA GLY A 215 1.07 6.87 21.03
C GLY A 215 2.30 7.73 20.82
N ASN A 216 2.18 9.02 21.13
CA ASN A 216 3.26 9.97 20.98
C ASN A 216 4.42 9.80 21.96
N LYS A 217 4.27 8.89 22.92
CA LYS A 217 5.33 8.62 23.89
C LYS A 217 5.18 7.25 24.51
N PRO B 1 -16.12 -15.05 -18.23
CA PRO B 1 -15.93 -15.95 -17.07
C PRO B 1 -15.29 -15.31 -15.84
N MET B 2 -14.17 -14.61 -16.03
CA MET B 2 -13.47 -13.93 -14.92
C MET B 2 -14.31 -12.69 -14.57
N THR B 3 -14.50 -12.38 -13.29
CA THR B 3 -15.32 -11.22 -12.91
C THR B 3 -14.60 -10.14 -12.10
N LEU B 4 -14.68 -8.90 -12.58
CA LEU B 4 -14.07 -7.76 -11.89
C LEU B 4 -15.21 -6.95 -11.32
N GLY B 5 -15.21 -6.77 -10.01
CA GLY B 5 -16.26 -6.01 -9.37
C GLY B 5 -15.74 -4.70 -8.86
N TYR B 6 -16.48 -3.62 -9.12
CA TYR B 6 -16.08 -2.31 -8.65
C TYR B 6 -17.20 -1.31 -8.92
N TRP B 7 -16.99 -0.07 -8.47
CA TRP B 7 -17.94 1.00 -8.70
C TRP B 7 -17.91 1.35 -10.19
N ASN B 8 -18.97 2.00 -10.69
CA ASN B 8 -19.06 2.43 -12.09
C ASN B 8 -18.14 3.67 -12.24
N ILE B 9 -16.98 3.57 -11.61
CA ILE B 9 -15.99 4.62 -11.54
C ILE B 9 -14.62 4.14 -12.07
N ARG B 10 -13.75 5.09 -12.40
CA ARG B 10 -12.39 4.78 -12.86
C ARG B 10 -11.67 4.25 -11.60
N GLY B 11 -11.43 5.16 -10.66
CA GLY B 11 -10.78 4.82 -9.40
C GLY B 11 -9.59 3.86 -9.39
N LEU B 12 -9.72 2.77 -8.61
CA LEU B 12 -8.68 1.75 -8.45
C LEU B 12 -8.69 0.67 -9.54
N ALA B 13 -9.81 0.55 -10.24
CA ALA B 13 -9.95 -0.46 -11.28
C ALA B 13 -9.36 -0.12 -12.65
N HIS B 14 -8.97 1.14 -12.84
CA HIS B 14 -8.38 1.60 -14.11
C HIS B 14 -7.19 0.74 -14.56
N SER B 15 -6.17 0.65 -13.71
CA SER B 15 -4.98 -0.14 -14.04
C SER B 15 -5.33 -1.62 -14.27
N ILE B 16 -6.33 -2.10 -13.54
CA ILE B 16 -6.74 -3.49 -13.65
C ILE B 16 -7.39 -3.78 -15.00
N ARG B 17 -8.36 -2.94 -15.38
CA ARG B 17 -9.07 -3.02 -16.65
C ARG B 17 -8.07 -2.95 -17.81
N LEU B 18 -7.16 -2.00 -17.71
CA LEU B 18 -6.13 -1.84 -18.72
C LEU B 18 -5.24 -3.07 -18.80
N LEU B 19 -4.92 -3.67 -17.65
CA LEU B 19 -4.08 -4.86 -17.61
C LEU B 19 -4.83 -6.09 -18.10
N LEU B 20 -6.13 -6.16 -17.86
CA LEU B 20 -6.94 -7.30 -18.33
C LEU B 20 -7.07 -7.27 -19.85
N GLU B 21 -7.19 -6.06 -20.40
CA GLU B 21 -7.32 -5.85 -21.84
C GLU B 21 -6.00 -6.15 -22.54
N TYR B 22 -4.89 -5.67 -21.97
CA TYR B 22 -3.57 -5.89 -22.54
C TYR B 22 -3.15 -7.36 -22.59
N THR B 23 -3.59 -8.13 -21.60
CA THR B 23 -3.22 -9.55 -21.52
C THR B 23 -4.23 -10.43 -22.22
N ASP B 24 -5.23 -9.81 -22.85
CA ASP B 24 -6.28 -10.53 -23.57
C ASP B 24 -7.10 -11.43 -22.65
N SER B 25 -7.35 -10.94 -21.45
CA SER B 25 -8.11 -11.71 -20.47
C SER B 25 -9.60 -11.83 -20.77
N SER B 26 -10.14 -13.02 -20.57
CA SER B 26 -11.56 -13.26 -20.77
C SER B 26 -12.22 -12.83 -19.45
N TYR B 27 -12.92 -11.69 -19.49
CA TYR B 27 -13.56 -11.20 -18.28
C TYR B 27 -14.82 -10.39 -18.51
N GLU B 28 -15.62 -10.26 -17.46
CA GLU B 28 -16.84 -9.46 -17.49
C GLU B 28 -16.82 -8.60 -16.23
N GLU B 29 -17.54 -7.51 -16.26
CA GLU B 29 -17.58 -6.61 -15.11
C GLU B 29 -18.91 -6.54 -14.37
N LYS B 30 -18.84 -6.33 -13.07
CA LYS B 30 -20.02 -6.18 -12.21
C LYS B 30 -19.94 -4.74 -11.70
N LYS B 31 -20.71 -3.83 -12.29
CA LYS B 31 -20.63 -2.45 -11.86
C LYS B 31 -21.67 -2.05 -10.82
N TYR B 32 -21.19 -1.61 -9.66
CA TYR B 32 -22.06 -1.18 -8.59
C TYR B 32 -22.25 0.32 -8.74
N THR B 33 -23.49 0.75 -8.62
CA THR B 33 -23.81 2.17 -8.73
C THR B 33 -24.10 2.78 -7.37
N MET B 34 -23.42 3.87 -7.06
CA MET B 34 -23.64 4.57 -5.80
C MET B 34 -24.75 5.60 -6.05
N GLY B 35 -25.64 5.78 -5.08
CA GLY B 35 -26.70 6.76 -5.24
C GLY B 35 -26.12 8.14 -4.99
N ASP B 36 -26.86 9.22 -5.28
CA ASP B 36 -26.30 10.54 -5.02
C ASP B 36 -26.52 11.08 -3.62
N ALA B 37 -26.03 12.30 -3.41
CA ALA B 37 -26.14 13.02 -2.15
C ALA B 37 -27.60 13.10 -1.73
N PRO B 38 -27.86 13.22 -0.42
CA PRO B 38 -26.85 13.28 0.63
C PRO B 38 -26.48 11.95 1.27
N ASP B 39 -27.22 10.89 0.95
CA ASP B 39 -26.95 9.58 1.55
C ASP B 39 -25.96 8.68 0.83
N TYR B 40 -25.76 8.92 -0.47
CA TYR B 40 -24.83 8.12 -1.28
C TYR B 40 -25.02 6.65 -1.02
N ASP B 41 -26.24 6.19 -1.31
CA ASP B 41 -26.63 4.81 -1.12
C ASP B 41 -25.67 3.79 -1.74
N ARG B 42 -25.21 2.86 -0.92
CA ARG B 42 -24.29 1.84 -1.39
C ARG B 42 -24.86 0.43 -1.25
N SER B 43 -26.18 0.35 -1.03
CA SER B 43 -26.87 -0.92 -0.84
C SER B 43 -26.64 -1.93 -1.96
N GLN B 44 -26.43 -1.45 -3.18
CA GLN B 44 -26.18 -2.33 -4.32
C GLN B 44 -24.96 -3.21 -3.99
N TRP B 45 -24.01 -2.61 -3.28
CA TRP B 45 -22.78 -3.27 -2.86
C TRP B 45 -22.97 -4.00 -1.52
N LEU B 46 -23.47 -3.27 -0.54
CA LEU B 46 -23.67 -3.82 0.79
C LEU B 46 -24.59 -5.05 0.80
N ASN B 47 -25.51 -5.13 -0.15
CA ASN B 47 -26.44 -6.26 -0.24
C ASN B 47 -25.81 -7.59 -0.62
N GLU B 48 -24.58 -7.58 -1.13
CA GLU B 48 -23.89 -8.82 -1.48
C GLU B 48 -22.40 -8.82 -1.12
N LYS B 49 -21.98 -7.82 -0.35
CA LYS B 49 -20.59 -7.68 0.09
C LYS B 49 -20.07 -8.93 0.79
N PHE B 50 -20.93 -9.51 1.64
CA PHE B 50 -20.58 -10.68 2.41
C PHE B 50 -21.09 -11.98 1.82
N LYS B 51 -21.59 -11.91 0.59
CA LYS B 51 -22.11 -13.09 -0.08
C LYS B 51 -21.30 -13.50 -1.32
N LEU B 52 -20.09 -13.01 -1.43
CA LEU B 52 -19.26 -13.33 -2.59
C LEU B 52 -18.12 -14.32 -2.35
N GLY B 53 -17.95 -14.77 -1.11
CA GLY B 53 -16.87 -15.70 -0.80
C GLY B 53 -15.53 -14.99 -0.62
N LEU B 54 -15.59 -13.68 -0.40
CA LEU B 54 -14.41 -12.86 -0.22
C LEU B 54 -13.92 -12.92 1.23
N ASP B 55 -12.62 -13.11 1.41
CA ASP B 55 -12.05 -13.19 2.75
C ASP B 55 -12.12 -11.85 3.44
N PHE B 56 -11.75 -10.80 2.71
CA PHE B 56 -11.79 -9.44 3.24
C PHE B 56 -12.61 -8.59 2.28
N PRO B 57 -13.94 -8.80 2.24
CA PRO B 57 -14.86 -8.08 1.37
C PRO B 57 -14.43 -6.65 1.09
N ASN B 58 -14.27 -6.33 -0.19
CA ASN B 58 -13.81 -5.01 -0.60
C ASN B 58 -13.96 -4.77 -2.11
N LEU B 59 -13.77 -3.52 -2.51
CA LEU B 59 -13.85 -3.13 -3.91
C LEU B 59 -12.56 -2.43 -4.28
N PRO B 60 -11.91 -2.82 -5.39
CA PRO B 60 -12.33 -3.86 -6.34
C PRO B 60 -12.05 -5.28 -5.88
N TYR B 61 -12.71 -6.23 -6.54
CA TYR B 61 -12.52 -7.64 -6.28
C TYR B 61 -12.47 -8.35 -7.61
N LEU B 62 -11.74 -9.46 -7.66
CA LEU B 62 -11.62 -10.27 -8.87
C LEU B 62 -11.98 -11.71 -8.56
N ILE B 63 -12.94 -12.26 -9.30
CA ILE B 63 -13.36 -13.64 -9.10
C ILE B 63 -12.92 -14.47 -10.32
N ASP B 64 -11.84 -15.23 -10.14
CA ASP B 64 -11.31 -16.07 -11.20
C ASP B 64 -11.36 -17.55 -10.78
N GLY B 65 -12.52 -18.17 -10.97
CA GLY B 65 -12.68 -19.56 -10.59
C GLY B 65 -12.66 -19.69 -9.07
N THR B 66 -11.71 -20.47 -8.57
CA THR B 66 -11.57 -20.67 -7.13
C THR B 66 -10.86 -19.48 -6.49
N HIS B 67 -10.20 -18.67 -7.32
CA HIS B 67 -9.48 -17.51 -6.82
C HIS B 67 -10.36 -16.28 -6.68
N LYS B 68 -10.57 -15.88 -5.43
CA LYS B 68 -11.38 -14.71 -5.12
C LYS B 68 -10.38 -13.73 -4.49
N ILE B 69 -10.18 -12.59 -5.14
CA ILE B 69 -9.18 -11.65 -4.67
C ILE B 69 -9.65 -10.22 -4.42
N THR B 70 -9.07 -9.60 -3.38
CA THR B 70 -9.39 -8.22 -3.04
C THR B 70 -8.05 -7.49 -2.97
N GLN B 71 -8.12 -6.16 -2.88
CA GLN B 71 -6.93 -5.30 -2.85
C GLN B 71 -6.45 -5.16 -4.28
N SER B 72 -6.58 -3.96 -4.82
CA SER B 72 -6.20 -3.67 -6.19
C SER B 72 -4.82 -4.16 -6.57
N ASN B 73 -3.83 -3.92 -5.69
CA ASN B 73 -2.47 -4.36 -5.95
C ASN B 73 -2.37 -5.86 -6.09
N ALA B 74 -3.10 -6.60 -5.25
CA ALA B 74 -3.09 -8.05 -5.28
C ALA B 74 -3.71 -8.60 -6.57
N ILE B 75 -4.79 -7.96 -7.03
CA ILE B 75 -5.46 -8.38 -8.27
C ILE B 75 -4.52 -8.14 -9.46
N LEU B 76 -3.80 -7.02 -9.42
CA LEU B 76 -2.86 -6.68 -10.47
C LEU B 76 -1.72 -7.70 -10.48
N ARG B 77 -1.15 -7.97 -9.31
CA ARG B 77 -0.06 -8.93 -9.19
C ARG B 77 -0.49 -10.30 -9.66
N TYR B 78 -1.74 -10.65 -9.40
CA TYR B 78 -2.28 -11.96 -9.77
C TYR B 78 -2.30 -12.12 -11.29
N ILE B 79 -2.84 -11.11 -11.97
CA ILE B 79 -2.92 -11.12 -13.42
C ILE B 79 -1.52 -11.03 -14.04
N ALA B 80 -0.67 -10.20 -13.43
CA ALA B 80 0.68 -10.00 -13.91
C ALA B 80 1.48 -11.30 -13.90
N ARG B 81 1.42 -12.05 -12.82
CA ARG B 81 2.14 -13.32 -12.73
C ARG B 81 1.66 -14.32 -13.77
N LYS B 82 0.36 -14.28 -14.04
CA LYS B 82 -0.29 -15.18 -14.97
C LYS B 82 0.14 -14.98 -16.43
N HIS B 83 0.81 -13.86 -16.70
CA HIS B 83 1.27 -13.50 -18.04
C HIS B 83 2.70 -12.98 -18.05
N ASN B 84 3.51 -13.38 -17.08
CA ASN B 84 4.90 -12.98 -16.97
C ASN B 84 5.18 -11.47 -17.08
N LEU B 85 4.30 -10.66 -16.50
CA LEU B 85 4.44 -9.20 -16.51
C LEU B 85 4.98 -8.69 -15.17
N CYS B 86 5.97 -9.40 -14.65
CA CYS B 86 6.60 -9.04 -13.39
C CYS B 86 8.08 -8.77 -13.57
N GLY B 87 8.68 -8.12 -12.56
CA GLY B 87 10.11 -7.85 -12.57
C GLY B 87 10.77 -9.20 -12.36
N GLU B 88 11.86 -9.44 -13.08
CA GLU B 88 12.57 -10.73 -12.96
C GLU B 88 13.82 -10.68 -12.11
N SER B 89 14.74 -9.78 -12.43
CA SER B 89 15.97 -9.65 -11.68
C SER B 89 15.66 -9.01 -10.33
N GLU B 90 16.60 -9.15 -9.40
CA GLU B 90 16.44 -8.59 -8.06
C GLU B 90 16.26 -7.06 -8.13
N LYS B 91 17.06 -6.42 -8.97
CA LYS B 91 17.00 -4.96 -9.16
C LYS B 91 15.64 -4.52 -9.67
N GLU B 92 15.08 -5.31 -10.57
CA GLU B 92 13.77 -5.02 -11.15
C GLU B 92 12.67 -5.27 -10.10
N GLN B 93 12.81 -6.32 -9.29
CA GLN B 93 11.83 -6.61 -8.24
C GLN B 93 11.79 -5.50 -7.20
N ILE B 94 12.97 -4.98 -6.85
CA ILE B 94 13.06 -3.91 -5.87
C ILE B 94 12.37 -2.66 -6.40
N ARG B 95 12.65 -2.32 -7.66
CA ARG B 95 12.07 -1.14 -8.31
C ARG B 95 10.56 -1.34 -8.43
N GLU B 96 10.18 -2.58 -8.69
CA GLU B 96 8.77 -2.93 -8.81
C GLU B 96 8.05 -2.71 -7.48
N ASP B 97 8.66 -3.16 -6.39
CA ASP B 97 8.06 -3.00 -5.06
C ASP B 97 7.98 -1.52 -4.67
N ILE B 98 9.10 -0.80 -4.82
CA ILE B 98 9.14 0.62 -4.50
C ILE B 98 8.09 1.41 -5.28
N LEU B 99 7.97 1.14 -6.56
CA LEU B 99 7.02 1.86 -7.39
C LEU B 99 5.55 1.57 -7.06
N GLU B 100 5.24 0.31 -6.84
CA GLU B 100 3.88 -0.09 -6.52
C GLU B 100 3.39 0.72 -5.33
N ASN B 101 4.29 0.86 -4.37
CA ASN B 101 4.02 1.59 -3.15
C ASN B 101 4.08 3.11 -3.32
N GLN B 102 5.09 3.61 -4.02
CA GLN B 102 5.23 5.04 -4.25
C GLN B 102 4.04 5.62 -5.04
N PHE B 103 3.59 4.89 -6.05
CA PHE B 103 2.45 5.34 -6.86
C PHE B 103 1.16 5.35 -6.05
N MET B 104 0.99 4.36 -5.17
CA MET B 104 -0.20 4.27 -4.31
C MET B 104 -0.22 5.50 -3.40
N ASP B 105 0.95 5.86 -2.87
CA ASP B 105 1.07 7.01 -2.01
C ASP B 105 0.65 8.29 -2.74
N SER B 106 1.10 8.43 -3.98
CA SER B 106 0.76 9.58 -4.81
C SER B 106 -0.72 9.57 -5.16
N ARG B 107 -1.24 8.38 -5.44
CA ARG B 107 -2.64 8.23 -5.78
C ARG B 107 -3.52 8.71 -4.64
N MET B 108 -3.20 8.29 -3.43
CA MET B 108 -3.96 8.67 -2.25
C MET B 108 -3.87 10.15 -1.94
N GLN B 109 -2.72 10.77 -2.20
CA GLN B 109 -2.54 12.19 -1.95
C GLN B 109 -3.55 13.00 -2.75
N LEU B 110 -3.75 12.61 -4.02
CA LEU B 110 -4.71 13.27 -4.91
C LEU B 110 -6.13 13.00 -4.42
N ALA B 111 -6.42 11.75 -4.10
CA ALA B 111 -7.74 11.38 -3.61
C ALA B 111 -8.10 12.16 -2.34
N LYS B 112 -7.15 12.22 -1.39
CA LYS B 112 -7.37 12.95 -0.14
C LYS B 112 -7.79 14.39 -0.45
N LEU B 113 -7.04 15.03 -1.34
CA LEU B 113 -7.34 16.40 -1.76
C LEU B 113 -8.71 16.56 -2.40
N CYS B 114 -9.03 15.65 -3.33
CA CYS B 114 -10.27 15.70 -4.09
C CYS B 114 -11.57 15.38 -3.36
N TYR B 115 -11.48 14.74 -2.20
CA TYR B 115 -12.67 14.41 -1.43
C TYR B 115 -12.90 15.37 -0.28
N ASP B 116 -11.86 16.11 0.07
CA ASP B 116 -11.91 17.08 1.16
C ASP B 116 -12.78 18.28 0.79
N PRO B 117 -13.76 18.64 1.63
CA PRO B 117 -14.65 19.79 1.38
C PRO B 117 -13.90 21.10 1.24
N ASP B 118 -12.65 21.13 1.70
CA ASP B 118 -11.81 22.33 1.60
C ASP B 118 -10.91 22.24 0.37
N PHE B 119 -11.39 21.50 -0.64
CA PHE B 119 -10.67 21.31 -1.88
C PHE B 119 -10.03 22.57 -2.45
N GLU B 120 -10.81 23.62 -2.55
CA GLU B 120 -10.32 24.89 -3.09
C GLU B 120 -9.19 25.50 -2.29
N LYS B 121 -9.24 25.36 -0.97
CA LYS B 121 -8.21 25.93 -0.11
C LYS B 121 -6.93 25.10 -0.15
N LEU B 122 -7.11 23.78 -0.26
CA LEU B 122 -6.02 22.82 -0.28
C LEU B 122 -5.36 22.55 -1.64
N LYS B 123 -6.11 22.77 -2.72
CA LYS B 123 -5.59 22.54 -4.06
C LYS B 123 -4.26 23.25 -4.31
N PRO B 124 -4.18 24.57 -4.05
CA PRO B 124 -2.93 25.31 -4.26
C PRO B 124 -1.65 24.61 -3.76
N GLU B 125 -1.66 24.08 -2.55
CA GLU B 125 -0.48 23.37 -1.99
C GLU B 125 -0.16 22.11 -2.76
N TYR B 126 -1.20 21.42 -3.18
CA TYR B 126 -1.01 20.19 -3.92
C TYR B 126 -0.35 20.52 -5.26
N LEU B 127 -0.77 21.62 -5.88
CA LEU B 127 -0.22 22.04 -7.15
C LEU B 127 1.24 22.47 -7.03
N GLN B 128 1.60 22.97 -5.85
CA GLN B 128 2.94 23.45 -5.55
C GLN B 128 3.91 22.30 -5.31
N ALA B 129 3.36 21.17 -4.88
CA ALA B 129 4.15 19.99 -4.57
C ALA B 129 4.19 19.01 -5.73
N LEU B 130 3.25 19.15 -6.66
CA LEU B 130 3.16 18.26 -7.82
C LEU B 130 4.42 18.16 -8.68
N PRO B 131 5.11 19.29 -8.95
CA PRO B 131 6.32 19.23 -9.79
C PRO B 131 7.39 18.33 -9.17
N GLU B 132 7.59 18.48 -7.87
CA GLU B 132 8.58 17.69 -7.15
C GLU B 132 8.30 16.19 -7.27
N MET B 133 7.03 15.83 -7.12
CA MET B 133 6.59 14.44 -7.21
C MET B 133 6.86 13.88 -8.62
N LEU B 134 6.41 14.65 -9.60
CA LEU B 134 6.54 14.31 -11.02
C LEU B 134 8.00 14.17 -11.39
N LYS B 135 8.83 15.06 -10.88
CA LYS B 135 10.25 15.06 -11.14
C LYS B 135 10.91 13.76 -10.70
N LEU B 136 10.55 13.27 -9.52
CA LEU B 136 11.14 12.04 -9.01
C LEU B 136 10.84 10.85 -9.94
N TYR B 137 9.60 10.77 -10.42
CA TYR B 137 9.20 9.69 -11.31
C TYR B 137 9.89 9.83 -12.67
N SER B 138 10.10 11.08 -13.07
CA SER B 138 10.77 11.44 -14.32
C SER B 138 12.20 10.91 -14.27
N GLN B 139 12.96 11.35 -13.27
CA GLN B 139 14.34 10.93 -13.11
C GLN B 139 14.48 9.42 -13.03
N PHE B 140 13.55 8.78 -12.32
CA PHE B 140 13.57 7.35 -12.15
C PHE B 140 13.42 6.62 -13.47
N LEU B 141 12.49 7.09 -14.30
CA LEU B 141 12.23 6.47 -15.59
C LEU B 141 13.40 6.72 -16.55
N GLY B 142 13.94 7.94 -16.52
CA GLY B 142 15.04 8.29 -17.41
C GLY B 142 14.77 8.04 -18.89
N LYS B 143 15.71 7.37 -19.53
CA LYS B 143 15.60 7.06 -20.95
C LYS B 143 14.95 5.72 -21.26
N GLN B 144 14.41 5.06 -20.23
CA GLN B 144 13.76 3.76 -20.38
C GLN B 144 12.36 3.92 -20.96
N PRO B 145 11.90 2.93 -21.75
CA PRO B 145 10.55 3.00 -22.32
C PRO B 145 9.51 2.62 -21.26
N TRP B 146 9.91 1.75 -20.34
CA TRP B 146 9.04 1.27 -19.27
C TRP B 146 9.70 1.50 -17.92
N PHE B 147 8.90 1.46 -16.86
CA PHE B 147 9.42 1.73 -15.53
C PHE B 147 10.48 0.79 -14.97
N LEU B 148 10.48 -0.46 -15.42
CA LEU B 148 11.49 -1.41 -14.97
C LEU B 148 12.55 -1.68 -16.04
N GLY B 149 12.47 -0.95 -17.16
CA GLY B 149 13.44 -1.14 -18.24
C GLY B 149 12.85 -1.47 -19.60
N ASP B 150 13.38 -2.50 -20.24
CA ASP B 150 12.94 -2.95 -21.57
C ASP B 150 11.53 -3.50 -21.61
N LYS B 151 11.19 -4.34 -20.64
CA LYS B 151 9.88 -4.97 -20.63
C LYS B 151 8.80 -4.25 -19.85
N ILE B 152 7.63 -4.19 -20.47
CA ILE B 152 6.48 -3.58 -19.85
C ILE B 152 6.07 -4.57 -18.75
N THR B 153 5.70 -4.03 -17.59
CA THR B 153 5.29 -4.83 -16.44
C THR B 153 4.06 -4.15 -15.82
N PHE B 154 3.47 -4.76 -14.79
CA PHE B 154 2.29 -4.19 -14.18
C PHE B 154 2.42 -2.80 -13.54
N VAL B 155 3.59 -2.44 -13.01
CA VAL B 155 3.71 -1.10 -12.40
C VAL B 155 3.50 0.01 -13.40
N ASP B 156 3.65 -0.32 -14.68
CA ASP B 156 3.49 0.65 -15.76
C ASP B 156 2.01 1.00 -15.89
N PHE B 157 1.16 0.01 -15.60
CA PHE B 157 -0.29 0.18 -15.65
C PHE B 157 -0.76 1.09 -14.52
N ILE B 158 -0.07 0.97 -13.38
CA ILE B 158 -0.34 1.79 -12.21
C ILE B 158 0.15 3.19 -12.54
N ALA B 159 1.39 3.25 -13.01
CA ALA B 159 2.06 4.48 -13.38
C ALA B 159 1.22 5.30 -14.33
N TYR B 160 0.76 4.64 -15.39
CA TYR B 160 -0.06 5.31 -16.39
C TYR B 160 -1.26 6.00 -15.76
N ASP B 161 -2.06 5.23 -15.03
CA ASP B 161 -3.25 5.72 -14.35
C ASP B 161 -3.02 6.97 -13.49
N VAL B 162 -2.09 6.90 -12.53
CA VAL B 162 -1.86 8.04 -11.66
C VAL B 162 -1.19 9.26 -12.28
N LEU B 163 -0.30 9.04 -13.24
CA LEU B 163 0.33 10.17 -13.90
C LEU B 163 -0.70 10.83 -14.81
N GLU B 164 -1.52 10.01 -15.44
CA GLU B 164 -2.51 10.51 -16.37
C GLU B 164 -3.63 11.30 -15.69
N ARG B 165 -4.16 10.77 -14.58
CA ARG B 165 -5.22 11.49 -13.86
C ARG B 165 -4.69 12.84 -13.36
N ASN B 166 -3.38 12.91 -13.15
CA ASN B 166 -2.75 14.16 -12.71
C ASN B 166 -2.72 15.11 -13.88
N GLN B 167 -2.51 14.56 -15.06
CA GLN B 167 -2.49 15.35 -16.28
C GLN B 167 -3.89 15.94 -16.44
N VAL B 168 -4.93 15.17 -16.14
CA VAL B 168 -6.29 15.70 -16.27
C VAL B 168 -6.58 16.69 -15.14
N PHE B 169 -5.94 16.49 -13.99
CA PHE B 169 -6.15 17.40 -12.87
C PHE B 169 -5.51 18.73 -13.21
N GLU B 170 -4.26 18.68 -13.67
CA GLU B 170 -3.50 19.87 -14.05
C GLU B 170 -2.85 19.58 -15.40
N PRO B 171 -3.54 19.93 -16.51
CA PRO B 171 -3.09 19.73 -17.89
C PRO B 171 -1.61 19.93 -18.20
N SER B 172 -1.05 21.03 -17.71
CA SER B 172 0.33 21.39 -17.95
C SER B 172 1.39 20.71 -17.08
N CYS B 173 0.97 19.96 -16.06
CA CYS B 173 1.92 19.32 -15.13
C CYS B 173 3.04 18.48 -15.75
N LEU B 174 2.73 17.77 -16.83
CA LEU B 174 3.72 16.93 -17.49
C LEU B 174 4.63 17.67 -18.48
N ASP B 175 4.26 18.91 -18.81
CA ASP B 175 5.00 19.73 -19.76
C ASP B 175 6.53 19.76 -19.53
N ALA B 176 6.96 19.94 -18.28
CA ALA B 176 8.39 20.00 -17.97
C ALA B 176 9.08 18.66 -17.89
N PHE B 177 8.32 17.58 -18.09
CA PHE B 177 8.87 16.22 -18.04
C PHE B 177 8.52 15.43 -19.30
N PRO B 178 9.23 15.71 -20.41
CA PRO B 178 9.03 15.07 -21.72
C PRO B 178 8.90 13.54 -21.66
N ASN B 179 9.82 12.89 -20.96
CA ASN B 179 9.78 11.44 -20.86
C ASN B 179 8.49 10.85 -20.28
N LEU B 180 7.85 11.60 -19.38
CA LEU B 180 6.60 11.16 -18.80
C LEU B 180 5.48 11.33 -19.81
N LYS B 181 5.60 12.36 -20.64
CA LYS B 181 4.62 12.62 -21.69
C LYS B 181 4.70 11.51 -22.72
N ASP B 182 5.94 11.13 -23.06
CA ASP B 182 6.16 10.07 -24.03
C ASP B 182 5.68 8.73 -23.51
N PHE B 183 5.86 8.53 -22.19
CA PHE B 183 5.42 7.29 -21.53
C PHE B 183 3.91 7.13 -21.72
N ILE B 184 3.17 8.21 -21.45
CA ILE B 184 1.71 8.20 -21.63
C ILE B 184 1.31 7.86 -23.07
N SER B 185 1.93 8.53 -24.04
CA SER B 185 1.65 8.29 -25.46
C SER B 185 2.03 6.86 -25.80
N ARG B 186 3.20 6.44 -25.30
CA ARG B 186 3.71 5.09 -25.55
C ARG B 186 2.70 4.02 -25.07
N PHE B 187 2.24 4.19 -23.84
CA PHE B 187 1.26 3.29 -23.25
C PHE B 187 -0.07 3.34 -24.02
N GLU B 188 -0.54 4.56 -24.32
CA GLU B 188 -1.80 4.72 -25.04
C GLU B 188 -1.72 4.18 -26.47
N GLY B 189 -0.50 4.14 -27.01
CA GLY B 189 -0.29 3.64 -28.35
C GLY B 189 -0.21 2.13 -28.43
N LEU B 190 -0.13 1.44 -27.29
CA LEU B 190 -0.06 -0.02 -27.29
C LEU B 190 -1.29 -0.57 -28.01
N GLU B 191 -1.05 -1.46 -28.94
CA GLU B 191 -2.06 -2.09 -29.78
C GLU B 191 -3.38 -2.40 -29.06
N LYS B 192 -3.29 -3.24 -28.03
CA LYS B 192 -4.47 -3.63 -27.26
C LYS B 192 -5.07 -2.47 -26.48
N ILE B 193 -4.22 -1.56 -26.01
CA ILE B 193 -4.66 -0.39 -25.25
C ILE B 193 -5.41 0.57 -26.16
N SER B 194 -4.81 0.89 -27.30
CA SER B 194 -5.43 1.81 -28.25
C SER B 194 -6.82 1.35 -28.69
N ALA B 195 -6.95 0.07 -29.01
CA ALA B 195 -8.23 -0.49 -29.42
C ALA B 195 -9.29 -0.41 -28.32
N TYR B 196 -8.87 -0.69 -27.09
CA TYR B 196 -9.77 -0.65 -25.95
C TYR B 196 -10.21 0.78 -25.65
N MET B 197 -9.29 1.73 -25.80
CA MET B 197 -9.60 3.14 -25.57
C MET B 197 -10.58 3.70 -26.59
N LYS B 198 -10.88 2.93 -27.64
CA LYS B 198 -11.82 3.34 -28.68
C LYS B 198 -13.15 2.63 -28.50
N SER B 199 -13.18 1.62 -27.65
CA SER B 199 -14.38 0.84 -27.40
C SER B 199 -15.33 1.43 -26.35
N SER B 200 -16.47 0.75 -26.17
CA SER B 200 -17.50 1.16 -25.22
C SER B 200 -17.15 0.84 -23.76
N ARG B 201 -16.26 -0.12 -23.58
CA ARG B 201 -15.82 -0.56 -22.25
C ARG B 201 -14.90 0.42 -21.54
N PHE B 202 -14.31 1.34 -22.31
CA PHE B 202 -13.40 2.33 -21.76
C PHE B 202 -14.09 3.33 -20.81
N LEU B 203 -13.63 3.37 -19.55
CA LEU B 203 -14.20 4.26 -18.54
C LEU B 203 -13.15 5.15 -17.84
N PRO B 204 -12.70 6.22 -18.52
CA PRO B 204 -11.70 7.15 -17.97
C PRO B 204 -12.28 8.17 -16.97
N ARG B 205 -13.60 8.35 -17.03
CA ARG B 205 -14.33 9.26 -16.14
C ARG B 205 -15.58 8.50 -15.70
N PRO B 206 -16.08 8.76 -14.49
CA PRO B 206 -15.53 9.73 -13.51
C PRO B 206 -14.33 9.15 -12.77
N VAL B 207 -13.38 10.01 -12.40
CA VAL B 207 -12.19 9.57 -11.69
C VAL B 207 -12.53 9.01 -10.32
N PHE B 208 -13.40 9.72 -9.60
CA PHE B 208 -13.77 9.31 -8.26
C PHE B 208 -15.26 9.02 -8.10
N THR B 209 -15.72 8.79 -6.88
CA THR B 209 -17.15 8.52 -6.63
C THR B 209 -17.90 9.83 -6.53
N LYS B 210 -19.22 9.73 -6.41
CA LYS B 210 -20.08 10.92 -6.28
C LYS B 210 -19.73 11.73 -5.05
N MET B 211 -19.03 11.11 -4.10
CA MET B 211 -18.64 11.77 -2.86
C MET B 211 -17.52 12.80 -2.98
N ALA B 212 -16.87 12.85 -4.14
CA ALA B 212 -15.76 13.79 -4.36
C ALA B 212 -16.19 15.21 -4.70
N VAL B 213 -15.32 16.17 -4.43
CA VAL B 213 -15.57 17.58 -4.76
C VAL B 213 -15.05 17.82 -6.19
N TRP B 214 -14.09 16.97 -6.58
CA TRP B 214 -13.48 17.02 -7.90
C TRP B 214 -13.45 15.58 -8.43
N GLY B 215 -13.78 15.43 -9.72
CA GLY B 215 -13.75 14.11 -10.34
C GLY B 215 -14.93 13.24 -9.98
N ASN B 216 -15.97 13.85 -9.42
CA ASN B 216 -17.18 13.14 -9.03
C ASN B 216 -18.07 12.81 -10.24
N LYS B 217 -17.70 13.33 -11.41
CA LYS B 217 -18.44 13.08 -12.66
C LYS B 217 -17.56 13.22 -13.90
N1 GDS C . -2.30 11.48 7.01
CA1 GDS C . -2.32 10.90 8.22
C1 GDS C . -2.80 11.99 9.21
OE1 GDS C . -3.97 11.86 9.73
OE2 GDS C . -2.00 12.98 9.47
CB1 GDS C . -0.95 10.34 8.59
CG1 GDS C . -0.86 9.53 9.87
CD1 GDS C . 0.30 8.56 9.75
O1 GDS C . 0.03 7.37 9.42
N2 GDS C . 1.52 9.04 10.05
CA2 GDS C . 2.73 8.23 9.94
C2 GDS C . 2.89 7.04 10.91
O2 GDS C . 2.71 7.22 12.12
CB2 GDS C . 3.80 9.30 10.25
SG2 GDS C . 5.44 8.55 10.62
N3 GDS C . 3.24 5.89 10.39
CA3 GDS C . 3.44 4.70 11.19
C3 GDS C . 2.33 3.70 11.33
OE3 GDS C . 2.70 2.59 11.65
OE4 GDS C . 1.15 3.99 11.14
N4 GDS C . 8.55 10.14 5.53
CA4 GDS C . 9.59 10.96 4.92
C4 GDS C . 9.02 12.35 4.60
OE5 GDS C . 9.85 13.31 4.40
OE6 GDS C . 7.76 12.51 4.56
C5 GDS C . 8.17 10.29 6.80
O5 GDS C . 8.53 11.07 7.70
CA5 GDS C . 7.06 9.23 7.04
N5 GDS C . 7.03 8.09 6.17
CB5 GDS C . 7.18 8.74 8.50
SG5 GDS C . 5.95 7.54 9.01
CA6 GDS C . 5.32 4.72 3.04
C6 GDS C . 5.99 3.51 3.59
OE7 GDS C . 5.29 2.48 3.78
OE8 GDS C . 7.21 3.58 3.80
N6 GDS C . 4.21 4.38 2.35
CB6 GDS C . 4.96 5.75 4.16
CG6 GDS C . 6.30 6.42 4.56
CD6 GDS C . 6.02 7.69 5.38
O6 GDS C . 4.93 8.29 5.28
N1 GDS D . -10.31 9.27 3.41
CA1 GDS D . -10.62 9.73 2.21
C1 GDS D . -12.02 10.38 2.12
OE1 GDS D . -12.08 11.67 2.14
OE2 GDS D . -13.06 9.61 2.05
CB1 GDS D . -10.53 8.64 1.15
CG1 GDS D . -10.50 9.07 -0.30
CD1 GDS D . -10.40 7.84 -1.25
O1 GDS D . -9.24 7.47 -1.59
N2 GDS D . -11.57 7.28 -1.65
CA2 GDS D . -11.42 6.04 -2.57
C2 GDS D . -11.01 6.28 -4.05
O2 GDS D . -11.52 7.24 -4.67
CB2 GDS D . -12.92 5.70 -2.50
SG2 GDS D . -13.39 4.62 -3.88
N3 GDS D . -10.14 5.44 -4.58
CA3 GDS D . -9.69 5.52 -5.97
C3 GDS D . -8.39 6.24 -6.30
OE3 GDS D . -7.88 5.90 -7.37
OE4 GDS D . -7.89 7.10 -5.56
N4 GDS D . -14.48 -0.53 -0.70
CA4 GDS D . -15.45 -1.49 -0.17
C4 GDS D . -16.04 -0.97 1.15
OE5 GDS D . -17.06 -1.53 1.61
OE6 GDS D . -15.46 0.00 1.72
C5 GDS D . -14.84 0.60 -1.30
O5 GDS D . -15.95 1.11 -1.54
CA5 GDS D . -13.52 1.29 -1.72
N5 GDS D . -12.33 0.50 -1.84
CB5 GDS D . -13.73 2.03 -3.05
SG5 GDS D . -12.33 3.00 -3.59
CA6 GDS D . -7.67 -0.92 -1.16
C6 GDS D . -7.36 -1.41 -2.56
OE7 GDS D . -6.31 -1.00 -3.09
OE8 GDS D . -8.15 -2.21 -3.10
N6 GDS D . -6.53 -0.57 -0.51
CB6 GDS D . -8.68 0.26 -1.18
CG6 GDS D . -10.07 -0.35 -1.50
CD6 GDS D . -11.17 0.66 -1.15
O6 GDS D . -10.99 1.56 -0.30
#